data_2ZVQ
#
_entry.id   2ZVQ
#
_cell.length_a   156.178
_cell.length_b   67.490
_cell.length_c   42.821
_cell.angle_alpha   90.00
_cell.angle_beta   105.47
_cell.angle_gamma   90.00
#
_symmetry.space_group_name_H-M   'C 1 2 1'
#
loop_
_entity.id
_entity.type
_entity.pdbx_description
1 polymer 'Tyrosine-ester sulfotransferase'
2 non-polymer "ADENOSINE-3'-5'-DIPHOSPHATE"
3 non-polymer 1-NAPHTHOL
4 non-polymer GLYCEROL
5 water water
#
_entity_poly.entity_id   1
_entity_poly.type   'polypeptide(L)'
_entity_poly.pdbx_seq_one_letter_code
;MDNKLDVFRRELVDVEGIPLFWSIAEHWSQVESFEARPDDILISTYPKSGTTWVSEILDLIYNNGDAEKCKRDAIYKRVP
FMELIIPGITNGVEMLNNMPSPRIVKTHLPVQLLPSSFWKNDCKIIYVARNAKDVVVSYYYFYQMAKIHPEPGTWEEFLE
KFMAGQVSFGPWYDHVKSWWEKRKEYRILYLFYEDMKENPKCEIQKILKFLEKDIPEEILNKILYHSSFSVMKENPSANY
TTMMKEEMDHSVSPFMRKGISGDWKNQFTVAQYEKFEEDYVKKMEDSTLKFRSEI
;
_entity_poly.pdbx_strand_id   X
#
# COMPACT_ATOMS: atom_id res chain seq x y z
N ASP A 6 4.99 -8.15 24.57
CA ASP A 6 5.34 -8.29 23.13
C ASP A 6 4.24 -7.71 22.22
N VAL A 7 4.53 -6.56 21.59
CA VAL A 7 3.54 -5.95 20.68
C VAL A 7 3.47 -6.71 19.35
N PHE A 8 4.43 -7.59 19.13
CA PHE A 8 4.59 -8.29 17.85
C PHE A 8 3.97 -9.68 17.83
N ARG A 9 3.72 -10.16 16.61
CA ARG A 9 3.29 -11.53 16.36
C ARG A 9 1.94 -11.93 16.99
N ARG A 10 1.10 -10.93 17.28
CA ARG A 10 -0.21 -11.22 17.83
C ARG A 10 -1.21 -11.64 16.77
N GLU A 11 -2.28 -12.27 17.23
CA GLU A 11 -3.41 -12.53 16.34
C GLU A 11 -4.08 -11.22 15.95
N LEU A 12 -4.62 -11.22 14.73
CA LEU A 12 -5.39 -10.09 14.22
C LEU A 12 -6.72 -9.96 14.97
N VAL A 13 -7.27 -8.76 14.96
CA VAL A 13 -8.50 -8.43 15.66
C VAL A 13 -9.49 -7.85 14.64
N ASP A 14 -10.73 -8.33 14.66
CA ASP A 14 -11.74 -7.81 13.74
C ASP A 14 -12.08 -6.37 14.03
N VAL A 15 -12.09 -5.54 12.98
CA VAL A 15 -12.58 -4.18 13.04
C VAL A 15 -13.58 -4.04 11.90
N GLU A 16 -14.86 -3.89 12.24
CA GLU A 16 -15.92 -3.73 11.24
C GLU A 16 -15.82 -4.77 10.13
N GLY A 17 -15.55 -6.01 10.52
CA GLY A 17 -15.51 -7.14 9.58
C GLY A 17 -14.15 -7.48 8.98
N ILE A 18 -13.13 -6.67 9.26
CA ILE A 18 -11.82 -6.81 8.64
C ILE A 18 -10.75 -7.12 9.68
N PRO A 19 -9.89 -8.13 9.43
CA PRO A 19 -8.81 -8.40 10.41
C PRO A 19 -7.73 -7.33 10.36
N LEU A 20 -7.52 -6.63 11.46
CA LEU A 20 -6.48 -5.59 11.56
C LEU A 20 -5.57 -5.86 12.74
N PHE A 21 -4.41 -5.19 12.75
CA PHE A 21 -3.51 -5.34 13.89
C PHE A 21 -4.24 -4.95 15.18
N TRP A 22 -3.92 -5.66 16.26
CA TRP A 22 -4.57 -5.48 17.55
C TRP A 22 -4.54 -4.03 17.99
N SER A 23 -3.43 -3.35 17.69
CA SER A 23 -3.25 -1.99 18.22
C SER A 23 -3.99 -0.96 17.38
N ILE A 24 -4.25 -1.28 16.12
CA ILE A 24 -5.16 -0.46 15.31
C ILE A 24 -6.58 -0.58 15.87
N ALA A 25 -7.02 -1.82 16.11
CA ALA A 25 -8.35 -2.04 16.70
C ALA A 25 -8.50 -1.28 18.02
N GLU A 26 -7.46 -1.33 18.86
CA GLU A 26 -7.49 -0.70 20.16
C GLU A 26 -7.66 0.82 20.08
N HIS A 27 -7.17 1.39 18.98
CA HIS A 27 -7.17 2.83 18.78
C HIS A 27 -8.10 3.24 17.65
N TRP A 28 -9.09 2.39 17.38
CA TRP A 28 -9.91 2.59 16.18
C TRP A 28 -10.66 3.93 16.16
N SER A 29 -11.13 4.39 17.33
CA SER A 29 -11.90 5.65 17.35
CA SER A 29 -11.88 5.64 17.38
C SER A 29 -11.05 6.83 16.86
N GLN A 30 -9.74 6.76 17.09
CA GLN A 30 -8.78 7.78 16.66
CA GLN A 30 -8.86 7.83 16.64
C GLN A 30 -8.64 7.80 15.12
N VAL A 31 -8.72 6.61 14.54
CA VAL A 31 -8.66 6.48 13.09
C VAL A 31 -9.99 6.95 12.47
N GLU A 32 -11.10 6.46 13.01
CA GLU A 32 -12.43 6.83 12.49
C GLU A 32 -12.68 8.32 12.48
N SER A 33 -12.15 9.01 13.50
CA SER A 33 -12.35 10.45 13.62
CA SER A 33 -12.32 10.45 13.65
C SER A 33 -11.25 11.27 12.94
N PHE A 34 -10.37 10.61 12.19
CA PHE A 34 -9.30 11.33 11.52
C PHE A 34 -9.82 12.51 10.70
N GLU A 35 -9.16 13.66 10.88
CA GLU A 35 -9.53 14.86 10.16
CA GLU A 35 -9.52 14.88 10.18
C GLU A 35 -8.69 15.03 8.91
N ALA A 36 -9.32 14.83 7.75
CA ALA A 36 -8.67 15.05 6.47
C ALA A 36 -8.72 16.53 6.15
N ARG A 37 -7.99 16.91 5.11
CA ARG A 37 -7.95 18.28 4.60
C ARG A 37 -8.23 18.23 3.10
N PRO A 38 -8.85 19.29 2.54
CA PRO A 38 -9.23 19.24 1.14
C PRO A 38 -8.08 18.94 0.17
N ASP A 39 -6.86 19.38 0.51
CA ASP A 39 -5.70 19.20 -0.37
C ASP A 39 -4.85 17.97 -0.06
N ASP A 40 -5.29 17.14 0.87
CA ASP A 40 -4.60 15.87 1.14
C ASP A 40 -4.65 15.02 -0.13
N ILE A 41 -3.56 14.32 -0.43
CA ILE A 41 -3.61 13.26 -1.43
C ILE A 41 -3.47 11.94 -0.69
N LEU A 42 -4.48 11.09 -0.86
CA LEU A 42 -4.47 9.78 -0.22
C LEU A 42 -3.94 8.73 -1.19
N ILE A 43 -2.90 7.99 -0.77
CA ILE A 43 -2.43 6.82 -1.52
C ILE A 43 -3.02 5.61 -0.82
N SER A 44 -3.83 4.86 -1.55
CA SER A 44 -4.60 3.78 -0.99
C SER A 44 -4.25 2.51 -1.74
N THR A 45 -3.88 1.46 -0.99
CA THR A 45 -3.50 0.21 -1.64
C THR A 45 -3.86 -0.97 -0.77
N TYR A 46 -4.10 -2.12 -1.39
CA TYR A 46 -3.98 -3.37 -0.65
C TYR A 46 -2.48 -3.60 -0.38
N PRO A 47 -2.12 -4.14 0.80
CA PRO A 47 -0.69 -4.34 1.03
C PRO A 47 0.08 -5.00 -0.13
N LYS A 48 1.29 -4.48 -0.36
CA LYS A 48 2.26 -5.09 -1.28
C LYS A 48 1.99 -4.80 -2.74
N SER A 49 1.23 -3.73 -3.00
CA SER A 49 0.76 -3.44 -4.36
C SER A 49 1.49 -2.29 -5.04
N GLY A 50 2.46 -1.70 -4.33
CA GLY A 50 3.22 -0.57 -4.88
C GLY A 50 3.08 0.70 -4.07
N THR A 51 2.73 0.57 -2.79
CA THR A 51 2.53 1.75 -1.94
C THR A 51 3.79 2.62 -1.82
N THR A 52 4.91 1.98 -1.50
CA THR A 52 6.16 2.70 -1.28
C THR A 52 6.62 3.35 -2.58
N TRP A 53 6.51 2.60 -3.68
CA TRP A 53 6.88 3.12 -4.99
C TRP A 53 6.12 4.41 -5.31
N VAL A 54 4.80 4.36 -5.22
CA VAL A 54 4.01 5.52 -5.54
C VAL A 54 4.15 6.66 -4.52
N SER A 55 4.36 6.31 -3.25
CA SER A 55 4.62 7.34 -2.24
C SER A 55 5.89 8.12 -2.55
N GLU A 56 6.93 7.40 -2.97
CA GLU A 56 8.19 8.04 -3.33
C GLU A 56 8.01 8.90 -4.57
N ILE A 57 7.29 8.38 -5.57
CA ILE A 57 6.97 9.19 -6.75
C ILE A 57 6.27 10.50 -6.34
N LEU A 58 5.26 10.40 -5.48
CA LEU A 58 4.54 11.60 -5.06
C LEU A 58 5.44 12.57 -4.31
N ASP A 59 6.25 12.06 -3.40
CA ASP A 59 7.13 12.97 -2.68
C ASP A 59 8.15 13.62 -3.62
N LEU A 60 8.63 12.86 -4.61
CA LEU A 60 9.51 13.42 -5.62
C LEU A 60 8.82 14.52 -6.43
N ILE A 61 7.57 14.29 -6.81
CA ILE A 61 6.80 15.33 -7.51
C ILE A 61 6.68 16.60 -6.65
N TYR A 62 6.32 16.41 -5.38
CA TYR A 62 6.13 17.55 -4.46
C TYR A 62 7.42 18.32 -4.22
N ASN A 63 8.55 17.65 -4.43
CA ASN A 63 9.86 18.28 -4.23
C ASN A 63 10.62 18.53 -5.52
N ASN A 64 9.87 18.55 -6.62
CA ASN A 64 10.41 18.85 -7.96
C ASN A 64 11.63 18.02 -8.31
N GLY A 65 11.57 16.74 -7.92
CA GLY A 65 12.61 15.79 -8.25
C GLY A 65 13.90 15.90 -7.44
N ASP A 66 13.88 16.71 -6.38
CA ASP A 66 15.10 16.96 -5.59
C ASP A 66 15.38 15.77 -4.68
N ALA A 67 16.37 14.96 -5.02
CA ALA A 67 16.65 13.72 -4.30
C ALA A 67 17.06 13.98 -2.85
N GLU A 68 17.80 15.06 -2.61
CA GLU A 68 18.22 15.38 -1.27
C GLU A 68 17.03 15.73 -0.37
N LYS A 69 16.10 16.53 -0.90
CA LYS A 69 14.93 16.90 -0.12
C LYS A 69 14.11 15.65 0.24
N CYS A 70 14.05 14.70 -0.67
CA CYS A 70 13.31 13.46 -0.43
C CYS A 70 14.04 12.51 0.52
N LYS A 71 15.26 12.89 0.92
CA LYS A 71 16.00 12.16 1.95
C LYS A 71 15.96 12.85 3.32
N ARG A 72 15.04 13.80 3.46
CA ARG A 72 14.93 14.54 4.73
C ARG A 72 14.51 13.61 5.87
N ASP A 73 13.80 12.53 5.55
CA ASP A 73 13.42 11.54 6.54
C ASP A 73 13.02 10.27 5.81
N ALA A 74 12.80 9.20 6.56
CA ALA A 74 12.37 7.92 5.98
C ALA A 74 10.99 8.06 5.36
N ILE A 75 10.71 7.24 4.35
CA ILE A 75 9.42 7.32 3.65
C ILE A 75 8.22 7.20 4.59
N TYR A 76 8.35 6.39 5.65
CA TYR A 76 7.25 6.16 6.58
C TYR A 76 7.00 7.33 7.52
N LYS A 77 7.90 8.32 7.48
CA LYS A 77 7.68 9.58 8.19
CA LYS A 77 7.67 9.58 8.18
C LYS A 77 7.27 10.68 7.22
N ARG A 78 7.80 10.63 5.99
CA ARG A 78 7.40 11.61 4.97
C ARG A 78 5.95 11.42 4.53
N VAL A 79 5.53 10.15 4.47
CA VAL A 79 4.20 9.76 4.00
C VAL A 79 3.63 8.80 5.05
N PRO A 80 3.06 9.37 6.12
CA PRO A 80 2.60 8.52 7.23
C PRO A 80 1.52 7.51 6.86
N PHE A 81 1.67 6.32 7.43
CA PHE A 81 0.72 5.21 7.35
C PHE A 81 -0.35 5.52 8.39
N MET A 82 -1.45 6.12 7.92
CA MET A 82 -2.44 6.76 8.78
C MET A 82 -2.94 5.86 9.92
N GLU A 83 -3.45 4.68 9.58
CA GLU A 83 -4.11 3.87 10.59
C GLU A 83 -3.15 3.10 11.47
N LEU A 84 -1.87 3.05 11.09
CA LEU A 84 -0.93 2.26 11.88
C LEU A 84 -0.55 2.97 13.18
N ILE A 85 -1.07 2.41 14.27
CA ILE A 85 -0.79 2.90 15.63
C ILE A 85 -0.30 1.69 16.40
N ILE A 86 0.91 1.78 16.97
CA ILE A 86 1.49 0.69 17.76
C ILE A 86 2.01 1.33 19.03
N PRO A 87 1.55 0.86 20.22
CA PRO A 87 1.92 1.53 21.47
C PRO A 87 3.43 1.63 21.61
N GLY A 88 3.90 2.82 21.93
CA GLY A 88 5.30 3.05 22.15
C GLY A 88 6.09 3.30 20.89
N ILE A 89 5.55 2.91 19.73
CA ILE A 89 6.34 2.82 18.50
C ILE A 89 5.96 3.83 17.40
N THR A 90 4.67 3.92 17.07
CA THR A 90 4.26 4.81 15.98
C THR A 90 2.80 5.16 16.13
N ASN A 91 2.42 6.31 15.57
CA ASN A 91 1.05 6.75 15.57
C ASN A 91 0.83 7.56 14.31
N GLY A 92 0.29 6.92 13.27
CA GLY A 92 0.14 7.58 11.97
C GLY A 92 -0.79 8.77 12.05
N VAL A 93 -1.83 8.66 12.88
CA VAL A 93 -2.81 9.74 13.03
C VAL A 93 -2.16 10.99 13.63
N GLU A 94 -1.38 10.78 14.68
CA GLU A 94 -0.67 11.89 15.29
C GLU A 94 0.37 12.51 14.35
N MET A 95 1.09 11.66 13.62
CA MET A 95 2.09 12.15 12.68
CA MET A 95 2.09 12.16 12.68
C MET A 95 1.42 13.06 11.64
N LEU A 96 0.27 12.63 11.14
CA LEU A 96 -0.48 13.44 10.17
C LEU A 96 -1.09 14.72 10.76
N ASN A 97 -1.62 14.61 11.98
CA ASN A 97 -2.20 15.79 12.67
C ASN A 97 -1.15 16.90 12.77
N ASN A 98 0.10 16.50 12.95
CA ASN A 98 1.22 17.43 13.13
C ASN A 98 1.95 17.80 11.84
N MET A 99 1.46 17.32 10.70
CA MET A 99 2.11 17.56 9.43
CA MET A 99 2.11 17.52 9.40
C MET A 99 1.51 18.73 8.67
N PRO A 100 2.36 19.70 8.24
CA PRO A 100 1.82 20.79 7.44
C PRO A 100 1.33 20.31 6.08
N SER A 101 0.28 20.97 5.57
CA SER A 101 -0.21 20.73 4.23
C SER A 101 0.84 21.20 3.22
N PRO A 102 0.83 20.65 1.98
CA PRO A 102 -0.08 19.59 1.52
C PRO A 102 0.42 18.20 1.93
N ARG A 103 -0.47 17.42 2.56
CA ARG A 103 -0.07 16.11 3.09
C ARG A 103 -0.24 15.00 2.08
N ILE A 104 0.68 14.03 2.13
CA ILE A 104 0.52 12.77 1.41
C ILE A 104 0.27 11.72 2.47
N VAL A 105 -0.84 11.00 2.31
CA VAL A 105 -1.33 10.09 3.34
C VAL A 105 -1.34 8.67 2.77
N LYS A 106 -0.83 7.68 3.53
CA LYS A 106 -0.88 6.28 3.11
C LYS A 106 -1.98 5.55 3.90
N THR A 107 -2.77 4.72 3.20
CA THR A 107 -3.67 3.82 3.89
C THR A 107 -3.73 2.48 3.18
N HIS A 108 -4.10 1.44 3.94
CA HIS A 108 -4.48 0.17 3.32
C HIS A 108 -5.93 -0.18 3.63
N LEU A 109 -6.69 0.76 4.18
CA LEU A 109 -8.05 0.39 4.62
C LEU A 109 -8.97 0.06 3.44
N PRO A 110 -9.79 -1.00 3.58
CA PRO A 110 -10.89 -1.26 2.64
C PRO A 110 -11.77 -0.02 2.62
N VAL A 111 -12.42 0.20 1.48
CA VAL A 111 -13.21 1.44 1.23
CA VAL A 111 -13.08 1.47 1.27
C VAL A 111 -14.15 1.75 2.35
N GLN A 112 -14.81 0.70 2.83
CA GLN A 112 -15.89 0.86 3.79
CA GLN A 112 -15.89 0.82 3.81
C GLN A 112 -15.38 1.22 5.19
N LEU A 113 -14.07 1.13 5.41
CA LEU A 113 -13.47 1.48 6.69
C LEU A 113 -12.73 2.81 6.64
N LEU A 114 -12.62 3.42 5.46
CA LEU A 114 -11.89 4.68 5.36
C LEU A 114 -12.57 5.75 6.21
N PRO A 115 -11.79 6.54 6.98
CA PRO A 115 -12.41 7.61 7.76
C PRO A 115 -13.30 8.50 6.88
N SER A 116 -14.49 8.82 7.37
CA SER A 116 -15.47 9.54 6.54
CA SER A 116 -15.49 9.57 6.59
C SER A 116 -15.00 10.95 6.15
N SER A 117 -14.06 11.51 6.90
CA SER A 117 -13.57 12.86 6.59
C SER A 117 -12.98 12.93 5.18
N PHE A 118 -12.40 11.83 4.68
CA PHE A 118 -11.89 11.87 3.30
C PHE A 118 -12.99 12.09 2.28
N TRP A 119 -14.15 11.49 2.51
CA TRP A 119 -15.30 11.68 1.63
C TRP A 119 -15.85 13.10 1.78
N LYS A 120 -15.97 13.55 3.03
CA LYS A 120 -16.55 14.88 3.29
C LYS A 120 -15.68 15.98 2.72
N ASN A 121 -14.36 15.75 2.68
CA ASN A 121 -13.43 16.72 2.09
C ASN A 121 -13.23 16.50 0.60
N ASP A 122 -13.88 15.47 0.06
CA ASP A 122 -13.79 15.14 -1.38
C ASP A 122 -12.34 15.08 -1.86
N CYS A 123 -11.49 14.41 -1.09
CA CYS A 123 -10.06 14.33 -1.43
C CYS A 123 -9.83 13.57 -2.71
N LYS A 124 -8.75 13.95 -3.40
CA LYS A 124 -8.21 13.12 -4.47
C LYS A 124 -7.48 11.94 -3.87
N ILE A 125 -7.65 10.80 -4.51
CA ILE A 125 -7.10 9.53 -4.03
C ILE A 125 -6.40 8.85 -5.19
N ILE A 126 -5.20 8.32 -4.93
CA ILE A 126 -4.53 7.46 -5.88
C ILE A 126 -4.57 6.05 -5.33
N TYR A 127 -5.24 5.16 -6.05
CA TYR A 127 -5.34 3.75 -5.65
C TYR A 127 -4.39 2.95 -6.54
N VAL A 128 -3.59 2.06 -5.95
CA VAL A 128 -2.71 1.21 -6.74
C VAL A 128 -3.08 -0.25 -6.49
N ALA A 129 -3.30 -0.97 -7.60
CA ALA A 129 -3.60 -2.39 -7.54
C ALA A 129 -2.48 -3.18 -8.24
N ARG A 130 -2.36 -4.45 -7.86
CA ARG A 130 -1.32 -5.33 -8.39
C ARG A 130 -1.95 -6.71 -8.53
N ASN A 131 -1.44 -7.52 -9.45
CA ASN A 131 -2.10 -8.79 -9.65
CA ASN A 131 -1.97 -8.87 -9.69
C ASN A 131 -1.99 -9.66 -8.40
N ALA A 132 -3.10 -10.34 -8.12
CA ALA A 132 -3.29 -11.01 -6.85
C ALA A 132 -2.19 -12.02 -6.56
N LYS A 133 -1.77 -12.78 -7.57
CA LYS A 133 -0.74 -13.80 -7.36
C LYS A 133 0.60 -13.19 -6.93
N ASP A 134 1.00 -12.08 -7.54
CA ASP A 134 2.22 -11.41 -7.13
C ASP A 134 2.07 -10.76 -5.75
N VAL A 135 0.87 -10.25 -5.45
CA VAL A 135 0.62 -9.69 -4.12
C VAL A 135 0.80 -10.75 -3.04
N VAL A 136 0.20 -11.93 -3.21
CA VAL A 136 0.27 -12.91 -2.13
C VAL A 136 1.70 -13.40 -1.90
N VAL A 137 2.48 -13.52 -2.95
CA VAL A 137 3.90 -13.85 -2.78
C VAL A 137 4.63 -12.76 -2.00
N SER A 138 4.48 -11.51 -2.42
CA SER A 138 5.13 -10.40 -1.74
C SER A 138 4.69 -10.33 -0.28
N TYR A 139 3.41 -10.60 -0.04
CA TYR A 139 2.84 -10.52 1.30
C TYR A 139 3.34 -11.63 2.20
N TYR A 140 3.57 -12.80 1.63
CA TYR A 140 4.11 -13.92 2.41
C TYR A 140 5.46 -13.54 3.02
N TYR A 141 6.36 -13.05 2.18
CA TYR A 141 7.69 -12.66 2.63
C TYR A 141 7.61 -11.47 3.58
N PHE A 142 6.69 -10.55 3.31
CA PHE A 142 6.52 -9.41 4.22
C PHE A 142 6.01 -9.85 5.60
N TYR A 143 5.06 -10.78 5.64
CA TYR A 143 4.61 -11.34 6.92
C TYR A 143 5.79 -11.90 7.72
N GLN A 144 6.73 -12.52 7.02
CA GLN A 144 7.89 -13.10 7.68
C GLN A 144 8.79 -12.05 8.31
N MET A 145 9.03 -10.96 7.58
CA MET A 145 10.04 -9.99 8.02
C MET A 145 9.47 -8.87 8.90
N ALA A 146 8.20 -8.53 8.68
CA ALA A 146 7.54 -7.44 9.40
C ALA A 146 6.77 -8.02 10.58
N LYS A 147 7.38 -7.90 11.76
CA LYS A 147 7.01 -8.68 12.94
C LYS A 147 5.66 -8.31 13.57
N ILE A 148 5.08 -7.17 13.17
CA ILE A 148 3.75 -6.82 13.66
C ILE A 148 2.67 -7.85 13.23
N HIS A 149 2.92 -8.53 12.12
CA HIS A 149 2.00 -9.55 11.58
C HIS A 149 2.03 -10.82 12.42
N PRO A 150 0.93 -11.60 12.37
CA PRO A 150 0.99 -12.95 12.93
C PRO A 150 1.98 -13.78 12.13
N GLU A 151 2.44 -14.87 12.70
CA GLU A 151 3.24 -15.83 11.94
C GLU A 151 2.48 -16.28 10.69
N PRO A 152 3.12 -16.21 9.51
CA PRO A 152 2.39 -16.65 8.33
C PRO A 152 2.22 -18.17 8.18
N GLY A 153 3.08 -18.94 8.86
CA GLY A 153 3.12 -20.37 8.63
C GLY A 153 3.84 -20.69 7.34
N THR A 154 3.55 -21.87 6.77
CA THR A 154 4.17 -22.26 5.52
C THR A 154 3.55 -21.49 4.36
N TRP A 155 4.22 -21.51 3.20
CA TRP A 155 3.66 -20.89 2.02
C TRP A 155 2.24 -21.43 1.72
N GLU A 156 2.06 -22.74 1.80
CA GLU A 156 0.76 -23.36 1.55
CA GLU A 156 0.73 -23.31 1.50
C GLU A 156 -0.34 -22.83 2.48
N GLU A 157 0.01 -22.75 3.76
CA GLU A 157 -0.92 -22.25 4.77
C GLU A 157 -1.26 -20.78 4.51
N PHE A 158 -0.24 -20.00 4.19
CA PHE A 158 -0.46 -18.58 3.97
C PHE A 158 -1.30 -18.34 2.71
N LEU A 159 -1.03 -19.10 1.66
CA LEU A 159 -1.80 -18.97 0.43
C LEU A 159 -3.28 -19.23 0.69
N GLU A 160 -3.57 -20.26 1.51
CA GLU A 160 -4.95 -20.55 1.84
C GLU A 160 -5.59 -19.44 2.66
N LYS A 161 -4.85 -18.88 3.61
CA LYS A 161 -5.36 -17.75 4.38
CA LYS A 161 -5.34 -17.75 4.40
C LYS A 161 -5.62 -16.55 3.49
N PHE A 162 -4.72 -16.30 2.54
CA PHE A 162 -4.94 -15.18 1.61
C PHE A 162 -6.20 -15.36 0.77
N MET A 163 -6.38 -16.57 0.23
CA MET A 163 -7.55 -16.84 -0.58
C MET A 163 -8.84 -16.65 0.22
N ALA A 164 -8.77 -16.98 1.52
CA ALA A 164 -9.92 -16.86 2.40
C ALA A 164 -10.08 -15.47 2.99
N GLY A 165 -9.15 -14.56 2.69
CA GLY A 165 -9.20 -13.21 3.25
C GLY A 165 -8.85 -13.11 4.72
N GLN A 166 -8.24 -14.17 5.25
CA GLN A 166 -7.88 -14.22 6.68
CA GLN A 166 -7.86 -14.26 6.66
C GLN A 166 -6.44 -13.73 6.87
N VAL A 167 -6.20 -12.52 6.37
CA VAL A 167 -4.91 -11.86 6.46
C VAL A 167 -5.17 -10.41 6.82
N SER A 168 -4.13 -9.71 7.25
CA SER A 168 -4.23 -8.32 7.65
C SER A 168 -4.80 -7.47 6.49
N PHE A 169 -5.80 -6.65 6.83
CA PHE A 169 -6.56 -5.83 5.89
C PHE A 169 -7.59 -6.58 5.03
N GLY A 170 -7.76 -7.86 5.31
CA GLY A 170 -8.85 -8.60 4.71
C GLY A 170 -8.57 -9.11 3.31
N PRO A 171 -9.63 -9.51 2.60
CA PRO A 171 -9.44 -10.12 1.27
C PRO A 171 -9.02 -9.11 0.21
N TRP A 172 -8.07 -9.53 -0.62
CA TRP A 172 -7.60 -8.74 -1.75
C TRP A 172 -8.76 -8.47 -2.71
N TYR A 173 -9.58 -9.51 -2.92
CA TYR A 173 -10.59 -9.46 -3.96
C TYR A 173 -11.56 -8.32 -3.70
N ASP A 174 -12.10 -8.28 -2.48
CA ASP A 174 -13.05 -7.24 -2.10
CA ASP A 174 -13.05 -7.24 -2.17
C ASP A 174 -12.39 -5.86 -2.09
N HIS A 175 -11.14 -5.80 -1.63
CA HIS A 175 -10.42 -4.54 -1.53
C HIS A 175 -10.34 -3.88 -2.91
N VAL A 176 -9.80 -4.59 -3.89
CA VAL A 176 -9.62 -4.00 -5.22
C VAL A 176 -10.95 -3.74 -5.91
N LYS A 177 -11.93 -4.64 -5.72
CA LYS A 177 -13.23 -4.48 -6.40
C LYS A 177 -14.00 -3.29 -5.85
N SER A 178 -14.00 -3.12 -4.53
CA SER A 178 -14.79 -2.03 -3.96
C SER A 178 -14.15 -0.69 -4.17
N TRP A 179 -12.82 -0.63 -4.15
CA TRP A 179 -12.14 0.60 -4.49
C TRP A 179 -12.34 0.99 -5.96
N TRP A 180 -12.41 -0.02 -6.83
CA TRP A 180 -12.71 0.20 -8.24
C TRP A 180 -14.11 0.79 -8.42
N GLU A 181 -15.10 0.22 -7.75
CA GLU A 181 -16.45 0.77 -7.82
C GLU A 181 -16.51 2.20 -7.29
N LYS A 182 -15.70 2.48 -6.26
CA LYS A 182 -15.70 3.80 -5.63
C LYS A 182 -15.25 4.93 -6.55
N ARG A 183 -14.52 4.59 -7.62
CA ARG A 183 -14.02 5.60 -8.55
C ARG A 183 -15.16 6.36 -9.23
N LYS A 184 -16.38 5.81 -9.14
CA LYS A 184 -17.58 6.43 -9.71
CA LYS A 184 -17.57 6.44 -9.70
CA LYS A 184 -17.54 6.47 -9.73
C LYS A 184 -18.13 7.54 -8.80
N GLU A 185 -17.69 7.55 -7.55
CA GLU A 185 -18.21 8.48 -6.54
C GLU A 185 -17.24 9.59 -6.13
N TYR A 186 -15.94 9.29 -6.21
CA TYR A 186 -14.88 10.22 -5.75
C TYR A 186 -13.77 10.21 -6.78
N ARG A 187 -12.90 11.22 -6.73
CA ARG A 187 -11.80 11.33 -7.70
C ARG A 187 -10.69 10.38 -7.30
N ILE A 188 -10.67 9.23 -7.98
CA ILE A 188 -9.73 8.15 -7.69
C ILE A 188 -9.00 7.81 -8.95
N LEU A 189 -7.70 8.09 -8.98
CA LEU A 189 -6.85 7.63 -10.06
C LEU A 189 -6.46 6.20 -9.72
N TYR A 190 -6.93 5.25 -10.52
CA TYR A 190 -6.75 3.83 -10.21
C TYR A 190 -5.68 3.25 -11.11
N LEU A 191 -4.52 2.96 -10.51
CA LEU A 191 -3.32 2.57 -11.24
C LEU A 191 -3.00 1.13 -10.99
N PHE A 192 -2.24 0.53 -11.91
CA PHE A 192 -1.80 -0.86 -11.81
C PHE A 192 -0.30 -0.95 -11.76
N TYR A 193 0.20 -1.70 -10.79
CA TYR A 193 1.63 -1.93 -10.61
C TYR A 193 2.28 -2.36 -11.94
N GLU A 194 1.60 -3.23 -12.67
CA GLU A 194 2.20 -3.78 -13.90
C GLU A 194 2.37 -2.74 -14.99
N ASP A 195 1.47 -1.76 -15.01
CA ASP A 195 1.59 -0.64 -15.94
C ASP A 195 2.79 0.22 -15.58
N MET A 196 3.01 0.43 -14.27
CA MET A 196 4.16 1.18 -13.80
CA MET A 196 4.16 1.21 -13.83
C MET A 196 5.48 0.46 -14.15
N LYS A 197 5.45 -0.86 -14.10
CA LYS A 197 6.60 -1.66 -14.51
C LYS A 197 6.87 -1.50 -16.00
N GLU A 198 5.80 -1.54 -16.80
CA GLU A 198 5.94 -1.56 -18.25
C GLU A 198 6.30 -0.20 -18.82
N ASN A 199 5.66 0.86 -18.31
CA ASN A 199 5.86 2.20 -18.82
C ASN A 199 5.70 3.22 -17.70
N PRO A 200 6.74 3.32 -16.85
CA PRO A 200 6.62 4.22 -15.72
C PRO A 200 6.44 5.68 -16.14
N LYS A 201 7.05 6.11 -17.23
CA LYS A 201 6.87 7.49 -17.66
C LYS A 201 5.40 7.80 -17.91
N CYS A 202 4.72 6.91 -18.63
CA CYS A 202 3.30 7.08 -18.93
C CYS A 202 2.49 7.17 -17.65
N GLU A 203 2.80 6.32 -16.68
CA GLU A 203 2.02 6.31 -15.44
C GLU A 203 2.26 7.54 -14.58
N ILE A 204 3.51 7.99 -14.51
CA ILE A 204 3.80 9.24 -13.79
C ILE A 204 3.13 10.43 -14.48
N GLN A 205 3.07 10.41 -15.81
CA GLN A 205 2.34 11.47 -16.49
C GLN A 205 0.85 11.47 -16.12
N LYS A 206 0.26 10.28 -15.95
CA LYS A 206 -1.12 10.17 -15.48
C LYS A 206 -1.28 10.81 -14.10
N ILE A 207 -0.33 10.55 -13.20
CA ILE A 207 -0.35 11.12 -11.86
C ILE A 207 -0.28 12.65 -11.94
N LEU A 208 0.64 13.14 -12.77
CA LEU A 208 0.80 14.59 -12.91
C LEU A 208 -0.47 15.25 -13.41
N LYS A 209 -1.10 14.67 -14.43
CA LYS A 209 -2.36 15.18 -14.97
CA LYS A 209 -2.36 15.22 -14.96
C LYS A 209 -3.44 15.22 -13.88
N PHE A 210 -3.54 14.12 -13.14
CA PHE A 210 -4.52 13.99 -12.06
C PHE A 210 -4.30 15.07 -11.00
N LEU A 211 -3.03 15.34 -10.71
CA LEU A 211 -2.67 16.36 -9.74
C LEU A 211 -2.75 17.78 -10.29
N GLU A 212 -3.06 17.92 -11.57
CA GLU A 212 -3.11 19.23 -12.24
C GLU A 212 -1.76 19.93 -12.16
N LYS A 213 -0.70 19.18 -12.44
CA LYS A 213 0.66 19.70 -12.44
C LYS A 213 1.29 19.53 -13.81
N ASP A 214 1.92 20.58 -14.31
CA ASP A 214 2.67 20.55 -15.56
C ASP A 214 4.11 20.90 -15.21
N ILE A 215 5.00 19.92 -15.38
CA ILE A 215 6.42 20.10 -15.03
C ILE A 215 7.29 19.91 -16.27
N PRO A 216 8.51 20.44 -16.25
CA PRO A 216 9.40 20.21 -17.38
C PRO A 216 9.78 18.74 -17.55
N GLU A 217 9.99 18.34 -18.79
CA GLU A 217 10.48 17.03 -19.12
C GLU A 217 11.71 16.64 -18.27
N GLU A 218 12.60 17.59 -18.04
CA GLU A 218 13.82 17.25 -17.29
C GLU A 218 13.52 16.86 -15.85
N ILE A 219 12.50 17.49 -15.27
CA ILE A 219 12.09 17.15 -13.89
C ILE A 219 11.39 15.79 -13.90
N LEU A 220 10.53 15.58 -14.90
CA LEU A 220 9.90 14.26 -15.05
C LEU A 220 10.97 13.17 -15.09
N ASN A 221 12.03 13.40 -15.87
CA ASN A 221 13.06 12.38 -16.01
C ASN A 221 13.82 12.15 -14.70
N LYS A 222 13.98 13.19 -13.91
CA LYS A 222 14.60 13.07 -12.57
CA LYS A 222 14.63 13.04 -12.60
C LYS A 222 13.76 12.20 -11.67
N ILE A 223 12.44 12.43 -11.72
CA ILE A 223 11.51 11.67 -10.90
C ILE A 223 11.53 10.21 -11.32
N LEU A 224 11.50 9.96 -12.63
CA LEU A 224 11.61 8.60 -13.15
CA LEU A 224 11.62 8.63 -13.19
C LEU A 224 12.88 7.91 -12.69
N TYR A 225 14.01 8.60 -12.78
CA TYR A 225 15.26 7.96 -12.40
C TYR A 225 15.24 7.56 -10.94
N HIS A 226 14.80 8.48 -10.09
CA HIS A 226 14.91 8.24 -8.65
C HIS A 226 13.85 7.31 -8.08
N SER A 227 12.83 7.00 -8.88
CA SER A 227 11.79 6.07 -8.45
C SER A 227 11.94 4.67 -9.03
N SER A 228 13.04 4.42 -9.75
CA SER A 228 13.29 3.08 -10.24
C SER A 228 13.67 2.15 -9.08
N PHE A 229 13.41 0.86 -9.26
CA PHE A 229 13.72 -0.11 -8.21
C PHE A 229 15.20 -0.12 -7.86
N SER A 230 16.05 -0.04 -8.88
CA SER A 230 17.49 -0.11 -8.63
CA SER A 230 17.50 -0.07 -8.68
C SER A 230 17.94 1.03 -7.72
N VAL A 231 17.36 2.23 -7.90
CA VAL A 231 17.69 3.36 -7.03
C VAL A 231 17.03 3.24 -5.66
N MET A 232 15.72 2.95 -5.64
CA MET A 232 15.01 2.89 -4.36
C MET A 232 15.52 1.78 -3.45
N LYS A 233 15.91 0.65 -4.04
CA LYS A 233 16.34 -0.47 -3.22
C LYS A 233 17.59 -0.15 -2.38
N GLU A 234 18.41 0.76 -2.88
CA GLU A 234 19.64 1.12 -2.18
C GLU A 234 19.50 2.41 -1.38
N ASN A 235 18.34 3.05 -1.46
CA ASN A 235 18.11 4.32 -0.81
C ASN A 235 17.60 4.11 0.61
N PRO A 236 18.43 4.41 1.64
CA PRO A 236 17.97 4.16 3.00
C PRO A 236 16.75 4.96 3.43
N SER A 237 16.43 6.03 2.72
CA SER A 237 15.24 6.82 3.03
C SER A 237 13.98 6.21 2.43
N ALA A 238 14.14 5.21 1.57
CA ALA A 238 12.99 4.59 0.90
C ALA A 238 12.87 3.09 1.12
N ASN A 239 13.93 2.43 1.59
CA ASN A 239 13.98 0.95 1.55
C ASN A 239 13.70 0.25 2.87
N TYR A 240 13.26 1.05 3.85
CA TYR A 240 12.85 0.56 5.17
C TYR A 240 13.98 0.04 6.07
N THR A 241 15.23 0.20 5.63
CA THR A 241 16.34 -0.30 6.45
C THR A 241 16.60 0.53 7.70
N THR A 242 15.95 1.70 7.80
CA THR A 242 16.06 2.51 9.02
C THR A 242 15.04 2.10 10.08
N MET A 243 14.09 1.24 9.71
CA MET A 243 13.12 0.67 10.64
C MET A 243 13.79 0.00 11.81
N MET A 244 13.21 0.15 13.00
CA MET A 244 13.76 -0.57 14.13
CA MET A 244 13.66 -0.58 14.18
C MET A 244 13.75 -2.07 13.83
N LYS A 245 14.86 -2.70 14.20
CA LYS A 245 15.08 -4.12 13.90
CA LYS A 245 15.10 -4.12 13.91
C LYS A 245 13.99 -5.02 14.44
N GLU A 246 13.40 -4.64 15.58
CA GLU A 246 12.31 -5.38 16.22
CA GLU A 246 12.34 -5.45 16.18
CA GLU A 246 12.34 -5.45 16.18
C GLU A 246 11.06 -5.40 15.33
N GLU A 247 10.93 -4.34 14.53
CA GLU A 247 9.79 -4.18 13.61
CA GLU A 247 9.79 -4.19 13.61
C GLU A 247 9.98 -4.91 12.27
N MET A 248 11.18 -4.78 11.71
CA MET A 248 11.46 -5.41 10.42
C MET A 248 12.86 -6.01 10.40
N ASP A 249 12.93 -7.30 10.10
CA ASP A 249 14.21 -7.98 9.96
C ASP A 249 14.48 -8.27 8.49
N HIS A 250 15.30 -7.42 7.88
CA HIS A 250 15.61 -7.54 6.45
C HIS A 250 16.44 -8.78 6.13
N SER A 251 17.06 -9.38 7.15
CA SER A 251 17.81 -10.62 6.94
CA SER A 251 17.80 -10.62 6.95
C SER A 251 16.86 -11.80 6.72
N VAL A 252 15.61 -11.65 7.15
CA VAL A 252 14.60 -12.66 6.88
C VAL A 252 14.16 -12.49 5.42
N SER A 253 13.77 -11.27 5.05
CA SER A 253 13.46 -10.91 3.66
C SER A 253 13.58 -9.40 3.55
N PRO A 254 14.29 -8.90 2.52
CA PRO A 254 14.37 -7.44 2.41
C PRO A 254 13.04 -6.83 1.98
N PHE A 255 12.78 -5.61 2.41
CA PHE A 255 11.55 -4.93 2.00
C PHE A 255 11.53 -4.79 0.47
N MET A 256 12.64 -4.29 -0.08
CA MET A 256 12.80 -4.17 -1.51
C MET A 256 13.31 -5.52 -1.98
N ARG A 257 12.38 -6.42 -2.25
CA ARG A 257 12.67 -7.84 -2.39
C ARG A 257 13.13 -8.20 -3.80
N LYS A 258 12.23 -8.11 -4.78
CA LYS A 258 12.58 -8.35 -6.19
C LYS A 258 12.11 -7.23 -7.12
N GLY A 259 10.94 -6.66 -6.84
CA GLY A 259 10.45 -5.53 -7.62
C GLY A 259 10.14 -5.86 -9.07
N ILE A 260 9.67 -7.08 -9.31
CA ILE A 260 9.27 -7.51 -10.65
C ILE A 260 7.78 -7.84 -10.72
N SER A 261 7.29 -8.05 -11.94
CA SER A 261 6.00 -8.68 -12.12
C SER A 261 6.26 -10.11 -12.56
N GLY A 262 5.50 -11.04 -12.01
CA GLY A 262 5.62 -12.45 -12.40
C GLY A 262 6.38 -13.33 -11.44
N ASP A 263 6.74 -12.83 -10.26
CA ASP A 263 7.41 -13.69 -9.29
C ASP A 263 6.51 -14.82 -8.82
N TRP A 264 5.21 -14.68 -9.03
CA TRP A 264 4.31 -15.75 -8.65
C TRP A 264 4.74 -17.09 -9.26
N LYS A 265 5.32 -17.05 -10.47
CA LYS A 265 5.71 -18.30 -11.12
C LYS A 265 6.78 -19.04 -10.32
N ASN A 266 7.60 -18.30 -9.59
CA ASN A 266 8.65 -18.92 -8.78
C ASN A 266 8.13 -19.53 -7.48
N GLN A 267 6.92 -19.13 -7.07
CA GLN A 267 6.40 -19.50 -5.77
C GLN A 267 5.26 -20.53 -5.84
N PHE A 268 4.34 -20.34 -6.77
CA PHE A 268 3.18 -21.23 -6.92
C PHE A 268 3.59 -22.55 -7.55
N THR A 269 3.15 -23.66 -6.95
CA THR A 269 3.15 -24.91 -7.72
C THR A 269 2.07 -24.82 -8.80
N VAL A 270 2.18 -25.67 -9.82
CA VAL A 270 1.19 -25.69 -10.89
C VAL A 270 -0.22 -25.96 -10.33
N ALA A 271 -0.31 -26.89 -9.38
CA ALA A 271 -1.60 -27.20 -8.76
C ALA A 271 -2.15 -26.00 -7.97
N GLN A 272 -1.28 -25.32 -7.22
CA GLN A 272 -1.72 -24.12 -6.48
C GLN A 272 -2.22 -23.06 -7.44
N TYR A 273 -1.53 -22.90 -8.55
CA TYR A 273 -1.92 -21.95 -9.58
C TYR A 273 -3.29 -22.27 -10.15
N GLU A 274 -3.49 -23.53 -10.56
CA GLU A 274 -4.78 -23.90 -11.15
C GLU A 274 -5.92 -23.68 -10.16
N LYS A 275 -5.69 -24.05 -8.90
CA LYS A 275 -6.70 -23.89 -7.86
C LYS A 275 -7.00 -22.41 -7.61
N PHE A 276 -5.93 -21.60 -7.57
CA PHE A 276 -6.05 -20.17 -7.34
C PHE A 276 -6.87 -19.52 -8.46
N GLU A 277 -6.60 -19.91 -9.70
CA GLU A 277 -7.31 -19.34 -10.85
C GLU A 277 -8.79 -19.68 -10.86
N GLU A 278 -9.12 -20.92 -10.56
CA GLU A 278 -10.52 -21.34 -10.52
C GLU A 278 -11.28 -20.51 -9.49
N ASP A 279 -10.67 -20.32 -8.33
CA ASP A 279 -11.25 -19.52 -7.25
C ASP A 279 -11.36 -18.05 -7.64
N TYR A 280 -10.31 -17.53 -8.28
CA TYR A 280 -10.23 -16.14 -8.72
C TYR A 280 -11.37 -15.78 -9.66
N VAL A 281 -11.61 -16.64 -10.65
CA VAL A 281 -12.65 -16.35 -11.64
C VAL A 281 -14.00 -16.16 -10.96
N LYS A 282 -14.30 -17.02 -9.99
CA LYS A 282 -15.57 -16.96 -9.27
C LYS A 282 -15.70 -15.64 -8.51
N LYS A 283 -14.60 -15.23 -7.89
CA LYS A 283 -14.62 -14.06 -7.04
C LYS A 283 -14.61 -12.75 -7.79
N MET A 284 -14.14 -12.76 -9.03
CA MET A 284 -13.94 -11.53 -9.77
C MET A 284 -15.00 -11.32 -10.85
N GLU A 285 -15.98 -12.23 -10.92
CA GLU A 285 -16.99 -12.18 -11.98
CA GLU A 285 -16.97 -12.17 -11.99
C GLU A 285 -17.94 -10.99 -11.89
N ASP A 286 -18.13 -10.44 -10.69
CA ASP A 286 -19.01 -9.27 -10.54
C ASP A 286 -18.27 -7.93 -10.68
N SER A 287 -17.12 -7.96 -11.37
CA SER A 287 -16.30 -6.76 -11.56
C SER A 287 -15.74 -6.65 -12.97
N THR A 288 -15.72 -5.43 -13.53
CA THR A 288 -15.06 -5.22 -14.82
C THR A 288 -13.52 -5.31 -14.76
N LEU A 289 -12.97 -5.30 -13.54
N LEU A 289 -13.00 -5.48 -13.53
CA LEU A 289 -11.51 -5.24 -13.37
CA LEU A 289 -11.62 -5.90 -13.29
C LEU A 289 -10.74 -6.20 -14.27
C LEU A 289 -11.33 -7.33 -13.77
N LYS A 290 -9.64 -5.72 -14.83
N LYS A 290 -12.37 -8.17 -13.85
CA LYS A 290 -8.75 -6.56 -15.64
CA LYS A 290 -12.17 -9.54 -14.33
C LYS A 290 -7.31 -6.39 -15.16
C LYS A 290 -11.63 -9.59 -15.76
N PHE A 291 -6.65 -7.52 -14.92
N PHE A 291 -11.91 -8.54 -16.54
CA PHE A 291 -5.27 -7.53 -14.42
CA PHE A 291 -11.44 -8.50 -17.92
C PHE A 291 -4.33 -8.31 -15.34
C PHE A 291 -9.96 -8.15 -17.99
N ARG A 292 -3.04 -8.01 -15.24
CA ARG A 292 -2.01 -8.74 -15.98
C ARG A 292 -1.04 -9.41 -15.00
N SER A 293 -0.69 -10.67 -15.24
CA SER A 293 0.19 -11.37 -14.31
C SER A 293 1.59 -11.57 -14.90
#